data_7PRI
#
_entry.id   7PRI
#
_cell.length_a   103.800
_cell.length_b   103.800
_cell.length_c   132.900
_cell.angle_alpha   90.000
_cell.angle_beta   90.000
_cell.angle_gamma   120.000
#
_symmetry.space_group_name_H-M   'P 32 2 1'
#
loop_
_entity.id
_entity.type
_entity.pdbx_description
1 polymer 'Carbonic anhydrase'
2 non-polymer 'ZINC ION'
3 non-polymer 2-acetamido-2-deoxy-beta-D-glucopyranose
4 non-polymer 4-azanyl-6-[1,2,2-tris(chloranyl)ethenyl]benzene-1,3-disulfonamide
5 non-polymer GLYCEROL
6 water water
#
_entity_poly.entity_id   1
_entity_poly.type   'polypeptide(L)'
_entity_poly.pdbx_seq_one_letter_code
;NGSEWSYTNILTGPETWHEHYKNMCSGYYQSPIDLKTDISTLDLKLKTVIIYRNTSSTETTTIQNNGHSAEVKFPRNTWF
ISFDGILDYKYEIIQMHFHWGNTDDRGSEHTIDGFRFPLEGHIVSFRRQMYSSPSEAIGRPGGLAVLGIMHQIVESIKYE
QTAFKAYNNFSGVLNSQFVPPNNSTIDDINLALLLSLLNPSRYFRYLGSLTTPPCTENVLWTVFIDPVLITREQINLFRN
LPYGSNEKQTRMGDNFRPIQLLNPIDTLASRTLYRATARG
;
_entity_poly.pdbx_strand_id   AAA,BBB
#
# COMPACT_ATOMS: atom_id res chain seq x y z
N GLU A 4 -31.12 -24.96 -0.14
CA GLU A 4 -30.23 -23.84 -0.53
C GLU A 4 -29.35 -23.39 0.65
N TRP A 5 -28.60 -22.30 0.47
CA TRP A 5 -27.76 -21.73 1.54
C TRP A 5 -27.91 -20.21 1.54
N SER A 6 -27.56 -19.62 2.68
CA SER A 6 -27.60 -18.16 2.84
C SER A 6 -26.52 -17.73 3.83
N TYR A 7 -26.38 -16.41 3.98
CA TYR A 7 -25.58 -15.82 5.04
C TYR A 7 -26.43 -15.46 6.27
N THR A 8 -27.68 -15.06 6.07
CA THR A 8 -28.46 -14.36 7.13
C THR A 8 -29.70 -15.13 7.56
N ASN A 9 -30.06 -16.23 6.90
CA ASN A 9 -31.19 -17.07 7.40
C ASN A 9 -30.62 -18.19 8.24
N ILE A 10 -30.91 -18.17 9.55
CA ILE A 10 -30.29 -19.04 10.58
C ILE A 10 -30.53 -20.53 10.23
N LEU A 11 -31.60 -20.82 9.49
CA LEU A 11 -32.00 -22.20 9.05
C LEU A 11 -31.05 -22.72 7.97
N THR A 12 -30.47 -21.82 7.14
CA THR A 12 -29.63 -22.21 5.97
C THR A 12 -28.25 -21.49 6.00
N GLY A 13 -27.94 -20.84 7.13
CA GLY A 13 -26.77 -19.97 7.29
C GLY A 13 -25.51 -20.74 7.58
N PRO A 14 -24.39 -20.02 7.71
CA PRO A 14 -23.09 -20.70 7.79
C PRO A 14 -22.91 -21.74 8.89
N GLU A 15 -23.62 -21.62 10.05
CA GLU A 15 -23.47 -22.62 11.15
C GLU A 15 -24.10 -23.96 10.73
N THR A 16 -24.87 -23.99 9.68
CA THR A 16 -25.55 -25.22 9.23
C THR A 16 -24.74 -25.93 8.16
N TRP A 17 -23.76 -25.25 7.51
CA TRP A 17 -23.21 -25.81 6.26
C TRP A 17 -22.52 -27.15 6.49
N HIS A 18 -21.92 -27.35 7.66
CA HIS A 18 -21.16 -28.57 8.02
C HIS A 18 -22.11 -29.76 7.93
N GLU A 19 -23.41 -29.56 8.14
CA GLU A 19 -24.44 -30.63 8.12
C GLU A 19 -25.10 -30.68 6.75
N HIS A 20 -25.49 -29.56 6.15
CA HIS A 20 -26.18 -29.56 4.85
C HIS A 20 -25.23 -29.92 3.70
N TYR A 21 -23.93 -29.59 3.79
CA TYR A 21 -22.94 -29.76 2.69
C TYR A 21 -21.68 -30.42 3.26
N LYS A 22 -21.83 -31.63 3.83
CA LYS A 22 -20.73 -32.22 4.62
C LYS A 22 -19.49 -32.39 3.67
N ASN A 23 -19.73 -32.65 2.40
CA ASN A 23 -18.68 -32.67 1.36
C ASN A 23 -18.66 -31.28 0.73
N MET A 24 -17.80 -30.34 1.18
CA MET A 24 -16.69 -30.51 2.08
C MET A 24 -16.75 -29.53 3.25
N CYS A 25 -17.93 -28.95 3.53
CA CYS A 25 -18.01 -27.92 4.60
C CYS A 25 -17.77 -28.51 5.98
N SER A 26 -17.72 -29.86 6.13
CA SER A 26 -17.32 -30.55 7.39
C SER A 26 -15.82 -30.81 7.48
N GLY A 27 -15.01 -30.31 6.55
CA GLY A 27 -13.59 -30.63 6.52
C GLY A 27 -12.75 -29.88 7.54
N TYR A 28 -11.47 -30.22 7.58
CA TYR A 28 -10.51 -29.61 8.53
C TYR A 28 -9.53 -28.67 7.81
N TYR A 29 -9.74 -28.37 6.53
CA TYR A 29 -8.90 -27.41 5.77
C TYR A 29 -9.79 -26.30 5.24
N GLN A 30 -10.61 -25.73 6.11
CA GLN A 30 -11.58 -24.71 5.71
C GLN A 30 -10.99 -23.29 5.76
N SER A 31 -11.69 -22.41 5.05
CA SER A 31 -11.38 -20.98 4.96
C SER A 31 -12.66 -20.21 5.23
N PRO A 32 -12.60 -18.94 5.67
CA PRO A 32 -11.38 -18.20 5.99
C PRO A 32 -10.80 -18.53 7.37
N ILE A 33 -9.61 -18.05 7.63
CA ILE A 33 -8.92 -18.22 8.92
C ILE A 33 -8.46 -16.85 9.41
N ASP A 34 -8.10 -16.79 10.68
CA ASP A 34 -7.32 -15.66 11.21
C ASP A 34 -5.88 -15.81 10.76
N LEU A 35 -5.37 -14.79 10.09
CA LEU A 35 -3.99 -14.79 9.57
C LEU A 35 -3.10 -14.17 10.63
N LYS A 36 -2.37 -15.02 11.33
CA LYS A 36 -1.65 -14.65 12.58
C LYS A 36 -0.20 -14.41 12.23
N THR A 37 0.25 -13.17 12.29
CA THR A 37 1.63 -12.80 11.87
C THR A 37 2.66 -13.60 12.70
N ASP A 38 2.44 -13.68 13.99
CA ASP A 38 3.37 -14.32 14.96
C ASP A 38 3.39 -15.84 14.71
N ILE A 39 2.23 -16.45 14.45
CA ILE A 39 2.07 -17.92 14.29
C ILE A 39 1.95 -18.25 12.81
N SER A 40 2.91 -17.77 12.04
CA SER A 40 3.05 -18.08 10.62
C SER A 40 4.53 -18.31 10.37
N THR A 41 4.84 -19.06 9.33
CA THR A 41 6.21 -19.37 8.90
C THR A 41 6.59 -18.53 7.70
N LEU A 42 7.63 -17.69 7.84
CA LEU A 42 8.19 -16.94 6.70
C LEU A 42 8.86 -17.90 5.76
N ASP A 43 8.49 -17.88 4.49
CA ASP A 43 9.10 -18.70 3.43
C ASP A 43 9.63 -17.75 2.35
N LEU A 44 10.94 -17.55 2.34
CA LEU A 44 11.59 -16.59 1.43
C LEU A 44 11.49 -17.08 -0.02
N LYS A 45 11.11 -18.34 -0.26
CA LYS A 45 10.99 -18.91 -1.61
C LYS A 45 9.70 -18.42 -2.31
N LEU A 46 8.75 -17.84 -1.58
CA LEU A 46 7.46 -17.38 -2.17
C LEU A 46 7.65 -16.01 -2.82
N LYS A 47 7.44 -15.94 -4.11
CA LYS A 47 7.86 -14.80 -4.98
C LYS A 47 6.74 -13.76 -5.05
N THR A 48 7.10 -12.61 -5.61
CA THR A 48 6.14 -11.53 -5.91
C THR A 48 5.05 -12.07 -6.82
N VAL A 49 3.79 -11.76 -6.54
CA VAL A 49 2.67 -12.10 -7.43
C VAL A 49 2.61 -11.08 -8.58
N ILE A 50 2.38 -11.60 -9.78
CA ILE A 50 2.14 -10.83 -11.02
C ILE A 50 0.77 -11.16 -11.57
N ILE A 51 0.01 -10.12 -11.94
CA ILE A 51 -1.25 -10.26 -12.68
C ILE A 51 -1.03 -9.67 -14.09
N TYR A 52 -1.40 -10.39 -15.11
CA TYR A 52 -1.07 -9.99 -16.49
C TYR A 52 -2.18 -10.39 -17.43
N ARG A 53 -2.27 -9.60 -18.53
CA ARG A 53 -3.38 -9.74 -19.47
C ARG A 53 -2.84 -10.21 -20.81
N ASN A 54 -3.63 -11.00 -21.49
CA ASN A 54 -3.44 -11.34 -22.93
C ASN A 54 -3.95 -10.12 -23.73
N THR A 55 -3.02 -9.38 -24.34
CA THR A 55 -3.21 -8.20 -25.23
C THR A 55 -4.14 -8.50 -26.41
N SER A 56 -4.25 -9.76 -26.86
CA SER A 56 -5.09 -10.12 -28.03
C SER A 56 -6.54 -10.33 -27.66
N SER A 57 -6.89 -10.37 -26.37
CA SER A 57 -8.28 -10.71 -26.00
C SER A 57 -9.13 -9.48 -26.19
N THR A 58 -10.31 -9.60 -26.80
CA THR A 58 -11.23 -8.47 -27.08
C THR A 58 -12.60 -8.69 -26.46
N GLU A 59 -12.84 -9.85 -25.83
CA GLU A 59 -14.18 -10.18 -25.30
C GLU A 59 -14.48 -9.30 -24.08
N THR A 60 -15.77 -9.08 -23.87
CA THR A 60 -16.33 -8.16 -22.87
C THR A 60 -16.24 -8.84 -21.50
N THR A 61 -16.13 -7.99 -20.48
CA THR A 61 -16.30 -8.30 -19.05
C THR A 61 -17.74 -7.96 -18.67
N THR A 62 -18.36 -8.77 -17.81
CA THR A 62 -19.70 -8.52 -17.26
C THR A 62 -19.65 -8.53 -15.75
N ILE A 63 -20.68 -7.99 -15.13
CA ILE A 63 -20.87 -8.10 -13.66
C ILE A 63 -22.30 -8.53 -13.42
N GLN A 64 -22.49 -9.35 -12.41
CA GLN A 64 -23.81 -9.93 -12.06
C GLN A 64 -24.04 -9.76 -10.56
N ASN A 65 -25.29 -9.47 -10.17
CA ASN A 65 -25.71 -9.64 -8.78
C ASN A 65 -26.23 -11.08 -8.66
N ASN A 66 -25.41 -11.97 -8.11
CA ASN A 66 -25.75 -13.42 -8.09
C ASN A 66 -26.60 -13.71 -6.88
N GLY A 67 -26.99 -12.72 -6.07
CA GLY A 67 -27.81 -12.92 -4.87
C GLY A 67 -26.99 -13.05 -3.62
N HIS A 68 -25.69 -13.32 -3.81
CA HIS A 68 -24.72 -13.48 -2.69
C HIS A 68 -23.72 -12.31 -2.68
N SER A 69 -23.29 -11.85 -3.83
CA SER A 69 -22.19 -10.86 -4.01
C SER A 69 -22.37 -10.15 -5.34
N ALA A 70 -21.55 -9.15 -5.58
CA ALA A 70 -21.30 -8.60 -6.90
C ALA A 70 -20.16 -9.41 -7.50
N GLU A 71 -20.41 -10.05 -8.63
CA GLU A 71 -19.45 -10.98 -9.27
C GLU A 71 -19.10 -10.49 -10.67
N VAL A 72 -17.85 -10.07 -10.82
CA VAL A 72 -17.26 -9.72 -12.13
C VAL A 72 -16.86 -11.01 -12.81
N LYS A 73 -17.38 -11.24 -13.99
CA LYS A 73 -17.08 -12.44 -14.80
C LYS A 73 -16.16 -12.05 -15.95
N PHE A 74 -14.94 -12.55 -15.92
CA PHE A 74 -13.90 -12.26 -16.91
C PHE A 74 -14.06 -13.25 -18.04
N PRO A 75 -13.78 -12.81 -19.27
CA PRO A 75 -13.75 -13.75 -20.39
C PRO A 75 -12.60 -14.75 -20.21
N ARG A 76 -12.75 -15.90 -20.83
CA ARG A 76 -11.68 -16.91 -20.88
C ARG A 76 -10.42 -16.34 -21.53
N ASN A 77 -9.26 -16.88 -21.18
CA ASN A 77 -7.96 -16.66 -21.86
C ASN A 77 -7.56 -15.20 -21.81
N THR A 78 -7.91 -14.46 -20.75
CA THR A 78 -7.68 -13.00 -20.75
C THR A 78 -6.75 -12.55 -19.65
N TRP A 79 -7.07 -12.88 -18.41
CA TRP A 79 -6.27 -12.45 -17.25
C TRP A 79 -5.70 -13.70 -16.56
N PHE A 80 -4.46 -13.50 -16.16
CA PHE A 80 -3.60 -14.58 -15.59
C PHE A 80 -2.87 -14.08 -14.34
N ILE A 81 -2.48 -15.10 -13.55
CA ILE A 81 -1.59 -14.90 -12.39
C ILE A 81 -0.33 -15.73 -12.61
N SER A 82 0.79 -15.12 -12.28
CA SER A 82 2.08 -15.81 -12.15
C SER A 82 2.57 -15.73 -10.72
N PHE A 83 2.99 -16.88 -10.15
CA PHE A 83 3.63 -16.91 -8.83
C PHE A 83 5.12 -17.18 -9.00
N ASP A 84 5.60 -17.37 -10.24
CA ASP A 84 7.02 -17.80 -10.41
C ASP A 84 7.77 -16.83 -11.32
N GLY A 85 7.20 -15.70 -11.72
CA GLY A 85 7.87 -14.73 -12.61
C GLY A 85 7.78 -15.09 -14.09
N ILE A 86 7.32 -16.27 -14.47
CA ILE A 86 7.14 -16.64 -15.89
C ILE A 86 5.71 -16.33 -16.34
N LEU A 87 5.53 -15.74 -17.52
CA LEU A 87 4.21 -15.37 -18.03
C LEU A 87 3.69 -16.45 -18.96
N ASP A 88 3.54 -17.68 -18.46
CA ASP A 88 3.24 -18.86 -19.29
C ASP A 88 1.88 -19.46 -18.95
N TYR A 89 1.00 -18.67 -18.33
CA TYR A 89 -0.45 -18.95 -18.26
C TYR A 89 -0.72 -20.15 -17.33
N LYS A 90 -0.01 -20.24 -16.22
CA LYS A 90 -0.21 -21.39 -15.31
C LYS A 90 -1.55 -21.24 -14.56
N TYR A 91 -1.91 -20.00 -14.21
CA TYR A 91 -3.16 -19.74 -13.50
C TYR A 91 -3.96 -18.74 -14.33
N GLU A 92 -5.21 -19.09 -14.60
CA GLU A 92 -6.12 -18.23 -15.41
C GLU A 92 -7.28 -17.76 -14.52
N ILE A 93 -7.47 -16.45 -14.53
CA ILE A 93 -8.53 -15.75 -13.73
C ILE A 93 -9.89 -15.98 -14.36
N ILE A 94 -10.86 -16.27 -13.53
CA ILE A 94 -12.26 -16.60 -13.87
C ILE A 94 -13.16 -15.42 -13.51
N GLN A 95 -13.08 -14.95 -12.28
CA GLN A 95 -14.06 -13.99 -11.78
C GLN A 95 -13.46 -13.27 -10.58
N MET A 96 -14.03 -12.15 -10.20
CA MET A 96 -13.71 -11.46 -8.94
C MET A 96 -15.01 -11.08 -8.25
N HIS A 97 -15.09 -11.30 -6.96
CA HIS A 97 -16.30 -10.93 -6.19
C HIS A 97 -15.86 -10.36 -4.86
N PHE A 98 -16.83 -9.98 -4.01
CA PHE A 98 -16.57 -9.17 -2.84
C PHE A 98 -17.38 -9.63 -1.65
N HIS A 99 -16.81 -9.36 -0.48
CA HIS A 99 -17.40 -9.63 0.84
C HIS A 99 -17.32 -8.34 1.62
N TRP A 100 -18.48 -7.92 2.17
CA TRP A 100 -18.54 -6.66 2.94
C TRP A 100 -19.54 -6.76 4.10
N GLY A 101 -19.56 -5.69 4.90
CA GLY A 101 -20.28 -5.60 6.16
C GLY A 101 -21.45 -4.64 6.08
N ASN A 102 -22.42 -4.85 6.99
CA ASN A 102 -23.50 -3.83 7.13
C ASN A 102 -22.89 -2.53 7.62
N THR A 103 -21.81 -2.63 8.40
CA THR A 103 -21.10 -1.49 9.02
C THR A 103 -19.62 -1.54 8.65
N ASP A 104 -18.92 -0.44 8.89
CA ASP A 104 -17.53 -0.26 8.39
C ASP A 104 -16.56 -1.14 9.19
N ASP A 105 -16.94 -1.63 10.36
CA ASP A 105 -15.95 -2.33 11.21
C ASP A 105 -15.95 -3.84 10.94
N ARG A 106 -16.71 -4.32 9.96
CA ARG A 106 -16.62 -5.76 9.58
C ARG A 106 -16.89 -5.90 8.09
N GLY A 107 -16.71 -7.11 7.56
CA GLY A 107 -16.99 -7.40 6.17
C GLY A 107 -16.04 -8.41 5.55
N SER A 108 -14.78 -8.36 5.93
CA SER A 108 -13.77 -9.28 5.38
C SER A 108 -14.04 -10.70 5.89
N GLU A 109 -13.57 -11.65 5.13
CA GLU A 109 -13.68 -13.10 5.50
C GLU A 109 -12.48 -13.45 6.33
N HIS A 110 -11.26 -13.27 5.79
CA HIS A 110 -10.05 -13.35 6.60
C HIS A 110 -10.01 -12.17 7.60
N THR A 111 -9.30 -12.38 8.68
CA THR A 111 -8.81 -11.36 9.63
C THR A 111 -7.28 -11.41 9.61
N ILE A 112 -6.67 -10.29 9.93
CA ILE A 112 -5.20 -10.19 10.10
C ILE A 112 -4.94 -9.84 11.55
N ASP A 113 -4.43 -10.82 12.29
CA ASP A 113 -4.24 -10.69 13.75
C ASP A 113 -5.55 -10.21 14.40
N GLY A 114 -6.66 -10.82 14.01
CA GLY A 114 -7.96 -10.57 14.63
C GLY A 114 -8.72 -9.38 14.06
N PHE A 115 -8.08 -8.58 13.18
CA PHE A 115 -8.68 -7.35 12.62
C PHE A 115 -9.51 -7.64 11.39
N ARG A 116 -10.75 -7.15 11.35
CA ARG A 116 -11.63 -7.24 10.16
C ARG A 116 -11.54 -5.94 9.37
N PHE A 117 -11.43 -6.09 8.06
CA PHE A 117 -11.52 -4.98 7.08
C PHE A 117 -12.97 -4.81 6.62
N PRO A 118 -13.34 -3.62 6.09
CA PRO A 118 -14.70 -3.43 5.60
C PRO A 118 -15.06 -4.19 4.32
N LEU A 119 -14.08 -4.58 3.51
CA LEU A 119 -14.31 -5.14 2.17
C LEU A 119 -13.12 -6.04 1.81
N GLU A 120 -13.40 -7.27 1.45
CA GLU A 120 -12.38 -8.23 0.94
C GLU A 120 -12.78 -8.59 -0.47
N GLY A 121 -11.88 -8.38 -1.44
CA GLY A 121 -12.10 -8.86 -2.81
C GLY A 121 -11.38 -10.18 -3.03
N HIS A 122 -11.99 -11.05 -3.80
CA HIS A 122 -11.48 -12.40 -4.15
C HIS A 122 -11.35 -12.49 -5.64
N ILE A 123 -10.11 -12.68 -6.10
CA ILE A 123 -9.81 -12.94 -7.51
C ILE A 123 -9.65 -14.45 -7.63
N VAL A 124 -10.55 -15.09 -8.34
CA VAL A 124 -10.61 -16.58 -8.42
C VAL A 124 -9.96 -17.02 -9.74
N SER A 125 -8.99 -17.94 -9.63
CA SER A 125 -8.27 -18.48 -10.82
C SER A 125 -8.27 -20.01 -10.78
N PHE A 126 -8.07 -20.67 -11.93
CA PHE A 126 -7.85 -22.13 -11.99
C PHE A 126 -6.44 -22.42 -12.51
N ARG A 127 -5.93 -23.56 -12.04
CA ARG A 127 -4.59 -24.06 -12.36
C ARG A 127 -4.60 -24.65 -13.78
N ARG A 128 -4.58 -23.74 -14.75
CA ARG A 128 -4.55 -24.05 -16.19
C ARG A 128 -3.32 -24.90 -16.50
N GLN A 129 -2.24 -24.76 -15.74
CA GLN A 129 -1.07 -25.67 -15.86
C GLN A 129 -1.51 -27.13 -15.92
N MET A 130 -2.51 -27.53 -15.14
CA MET A 130 -2.97 -28.92 -15.02
C MET A 130 -4.31 -29.14 -15.68
N TYR A 131 -5.25 -28.18 -15.60
CA TYR A 131 -6.66 -28.43 -15.95
C TYR A 131 -7.03 -27.51 -17.12
N SER A 132 -7.81 -28.02 -18.05
CA SER A 132 -8.05 -27.33 -19.36
C SER A 132 -9.14 -26.25 -19.22
N SER A 133 -9.99 -26.29 -18.21
CA SER A 133 -11.10 -25.30 -18.09
C SER A 133 -11.48 -25.10 -16.64
N PRO A 134 -12.16 -24.00 -16.31
CA PRO A 134 -12.73 -23.79 -14.99
C PRO A 134 -13.58 -24.98 -14.55
N SER A 135 -14.47 -25.50 -15.44
CA SER A 135 -15.41 -26.55 -14.99
C SER A 135 -14.64 -27.83 -14.66
N GLU A 136 -13.51 -28.07 -15.30
CA GLU A 136 -12.63 -29.22 -14.99
C GLU A 136 -11.93 -28.99 -13.64
N ALA A 137 -11.54 -27.76 -13.34
CA ALA A 137 -10.68 -27.48 -12.17
C ALA A 137 -11.54 -27.34 -10.91
N ILE A 138 -12.75 -26.81 -11.01
CA ILE A 138 -13.44 -26.25 -9.81
C ILE A 138 -13.75 -27.33 -8.77
N GLY A 139 -13.93 -28.59 -9.17
CA GLY A 139 -14.21 -29.69 -8.24
C GLY A 139 -13.07 -30.65 -8.04
N ARG A 140 -11.87 -30.35 -8.55
CA ARG A 140 -10.79 -31.33 -8.54
C ARG A 140 -9.68 -30.87 -7.62
N PRO A 141 -8.83 -31.81 -7.18
CA PRO A 141 -7.77 -31.46 -6.24
C PRO A 141 -6.80 -30.44 -6.83
N GLY A 142 -6.41 -29.46 -6.01
CA GLY A 142 -5.40 -28.46 -6.41
C GLY A 142 -5.88 -27.59 -7.57
N GLY A 143 -7.20 -27.54 -7.82
CA GLY A 143 -7.75 -26.87 -9.01
C GLY A 143 -7.70 -25.36 -8.97
N LEU A 144 -7.75 -24.74 -7.79
CA LEU A 144 -8.05 -23.29 -7.70
C LEU A 144 -6.99 -22.53 -6.94
N ALA A 145 -6.84 -21.24 -7.28
CA ALA A 145 -6.02 -20.32 -6.49
C ALA A 145 -6.82 -19.01 -6.38
N VAL A 146 -6.97 -18.49 -5.17
CA VAL A 146 -7.72 -17.23 -4.95
C VAL A 146 -6.75 -16.22 -4.35
N LEU A 147 -6.82 -14.99 -4.84
CA LEU A 147 -6.13 -13.82 -4.26
C LEU A 147 -7.13 -13.06 -3.41
N GLY A 148 -6.76 -12.81 -2.16
CA GLY A 148 -7.55 -11.90 -1.31
C GLY A 148 -6.93 -10.53 -1.18
N ILE A 149 -7.73 -9.50 -1.45
CA ILE A 149 -7.35 -8.07 -1.41
C ILE A 149 -8.24 -7.37 -0.37
N MET A 150 -7.61 -6.92 0.70
CA MET A 150 -8.25 -6.13 1.76
C MET A 150 -8.37 -4.69 1.28
N HIS A 151 -9.48 -4.07 1.66
CA HIS A 151 -9.72 -2.65 1.37
C HIS A 151 -9.93 -1.93 2.69
N GLN A 152 -9.40 -0.71 2.80
CA GLN A 152 -9.62 0.12 4.00
C GLN A 152 -10.13 1.50 3.59
N ILE A 153 -11.02 2.06 4.39
CA ILE A 153 -11.69 3.37 4.15
C ILE A 153 -10.78 4.50 4.62
N VAL A 154 -10.59 5.47 3.72
CA VAL A 154 -9.88 6.75 4.05
C VAL A 154 -10.85 7.90 3.77
N GLU A 155 -10.75 8.97 4.54
CA GLU A 155 -11.61 10.21 4.35
C GLU A 155 -11.06 11.05 3.20
N SER A 156 -9.74 11.17 3.10
CA SER A 156 -9.03 12.14 2.20
C SER A 156 -8.27 11.39 1.12
N ILE A 157 -8.78 11.36 -0.11
CA ILE A 157 -8.17 10.62 -1.23
C ILE A 157 -8.75 11.08 -2.57
N LYS A 158 -7.93 11.15 -3.62
CA LYS A 158 -8.45 11.37 -4.99
C LYS A 158 -8.98 10.02 -5.50
N TYR A 159 -10.07 10.08 -6.24
CA TYR A 159 -10.65 8.90 -6.95
C TYR A 159 -9.52 8.05 -7.55
N GLU A 160 -8.58 8.68 -8.27
CA GLU A 160 -7.55 8.00 -9.07
C GLU A 160 -6.64 7.11 -8.21
N GLN A 161 -6.54 7.39 -6.92
CA GLN A 161 -5.67 6.53 -6.08
CA GLN A 161 -5.71 6.76 -5.83
C GLN A 161 -6.50 5.58 -5.22
N THR A 162 -7.82 5.49 -5.49
CA THR A 162 -8.68 4.46 -4.86
C THR A 162 -8.68 3.20 -5.72
N ALA A 163 -9.07 2.09 -5.11
CA ALA A 163 -9.28 0.84 -5.86
C ALA A 163 -10.33 1.05 -6.97
N PHE A 164 -11.32 1.93 -6.79
CA PHE A 164 -12.40 2.11 -7.79
C PHE A 164 -11.87 2.65 -9.14
N LYS A 165 -10.70 3.28 -9.17
CA LYS A 165 -10.05 3.63 -10.47
C LYS A 165 -9.76 2.33 -11.25
N ALA A 166 -9.12 1.35 -10.61
CA ALA A 166 -8.88 0.02 -11.21
C ALA A 166 -10.22 -0.61 -11.61
N TYR A 167 -11.28 -0.46 -10.80
CA TYR A 167 -12.57 -1.11 -11.07
C TYR A 167 -13.37 -0.30 -12.12
N ASN A 168 -12.92 0.90 -12.44
CA ASN A 168 -13.68 1.83 -13.34
C ASN A 168 -15.10 2.03 -12.78
N ASN A 169 -15.22 2.14 -11.46
CA ASN A 169 -16.50 2.27 -10.71
C ASN A 169 -17.49 1.15 -11.05
N PHE A 170 -17.07 0.01 -11.58
CA PHE A 170 -17.95 -1.06 -12.09
C PHE A 170 -19.01 -0.46 -13.05
N SER A 171 -18.64 0.57 -13.80
CA SER A 171 -19.49 1.28 -14.80
C SER A 171 -20.82 1.69 -14.16
N GLY A 172 -20.85 1.96 -12.85
CA GLY A 172 -22.05 2.51 -12.15
C GLY A 172 -23.10 1.47 -11.82
N VAL A 173 -22.84 0.17 -11.95
CA VAL A 173 -23.88 -0.88 -11.80
C VAL A 173 -24.22 -1.05 -10.32
N LEU A 174 -23.37 -0.63 -9.38
CA LEU A 174 -23.65 -0.85 -7.93
C LEU A 174 -24.72 0.16 -7.46
N ASN A 175 -25.98 -0.27 -7.47
CA ASN A 175 -27.11 0.61 -7.09
C ASN A 175 -28.31 -0.27 -6.71
N SER A 176 -29.35 0.35 -6.16
CA SER A 176 -30.52 -0.35 -5.60
C SER A 176 -31.29 -1.08 -6.68
N GLN A 177 -31.09 -0.72 -7.94
CA GLN A 177 -31.88 -1.36 -9.03
C GLN A 177 -31.16 -2.56 -9.64
N PHE A 178 -29.95 -2.86 -9.16
CA PHE A 178 -29.14 -3.96 -9.74
C PHE A 178 -29.55 -5.25 -9.02
N VAL A 179 -30.71 -5.77 -9.41
CA VAL A 179 -31.37 -6.89 -8.72
C VAL A 179 -30.83 -8.19 -9.30
N PRO A 180 -30.82 -9.25 -8.48
CA PRO A 180 -30.42 -10.56 -8.96
C PRO A 180 -31.46 -11.05 -9.96
N PRO A 181 -31.14 -11.84 -11.00
CA PRO A 181 -29.77 -12.30 -11.31
C PRO A 181 -29.20 -11.46 -12.45
N ASN A 182 -29.49 -10.16 -12.41
CA ASN A 182 -29.16 -9.22 -13.51
C ASN A 182 -27.65 -9.21 -13.73
N ASN A 183 -27.29 -9.10 -14.97
CA ASN A 183 -25.88 -8.93 -15.41
C ASN A 183 -25.83 -7.82 -16.44
N SER A 184 -24.75 -7.06 -16.40
CA SER A 184 -24.47 -5.93 -17.32
C SER A 184 -23.05 -6.06 -17.81
N THR A 185 -22.85 -5.65 -19.05
CA THR A 185 -21.52 -5.41 -19.61
C THR A 185 -20.93 -4.25 -18.83
N ILE A 186 -19.65 -4.35 -18.47
CA ILE A 186 -18.87 -3.27 -17.82
C ILE A 186 -17.56 -3.11 -18.55
N ASP A 187 -16.91 -1.99 -18.29
CA ASP A 187 -15.52 -1.73 -18.72
C ASP A 187 -14.65 -2.79 -18.05
N ASP A 188 -13.60 -3.26 -18.72
CA ASP A 188 -12.69 -4.25 -18.09
C ASP A 188 -12.07 -3.63 -16.84
N ILE A 189 -11.78 -4.49 -15.87
CA ILE A 189 -11.11 -4.16 -14.59
C ILE A 189 -9.61 -4.18 -14.86
N ASN A 190 -8.87 -3.15 -14.49
CA ASN A 190 -7.41 -3.13 -14.64
C ASN A 190 -6.81 -3.82 -13.42
N LEU A 191 -6.76 -5.15 -13.46
CA LEU A 191 -6.30 -5.94 -12.30
C LEU A 191 -4.83 -5.68 -12.03
N ALA A 192 -4.01 -5.35 -13.05
CA ALA A 192 -2.60 -4.99 -12.82
C ALA A 192 -2.48 -3.69 -12.01
N LEU A 193 -3.28 -2.68 -12.33
CA LEU A 193 -3.28 -1.44 -11.53
C LEU A 193 -3.72 -1.75 -10.10
N LEU A 194 -4.77 -2.56 -9.96
CA LEU A 194 -5.24 -2.92 -8.62
C LEU A 194 -4.09 -3.48 -7.79
N LEU A 195 -3.37 -4.44 -8.33
CA LEU A 195 -2.29 -5.09 -7.59
C LEU A 195 -1.20 -4.06 -7.27
N SER A 196 -1.00 -3.04 -8.11
CA SER A 196 0.08 -2.04 -7.88
C SER A 196 -0.27 -1.12 -6.70
N LEU A 197 -1.54 -1.10 -6.25
CA LEU A 197 -2.00 -0.26 -5.11
C LEU A 197 -1.53 -0.85 -3.77
N LEU A 198 -1.03 -2.10 -3.76
CA LEU A 198 -0.51 -2.71 -2.53
C LEU A 198 0.87 -3.28 -2.83
N ASN A 199 1.50 -3.90 -1.84
CA ASN A 199 2.78 -4.60 -2.02
C ASN A 199 2.52 -6.04 -2.45
N PRO A 200 2.79 -6.43 -3.71
CA PRO A 200 2.45 -7.75 -4.22
C PRO A 200 3.44 -8.82 -3.73
N SER A 201 4.45 -8.46 -2.95
CA SER A 201 5.40 -9.43 -2.34
C SER A 201 5.02 -9.79 -0.91
N ARG A 202 4.06 -9.10 -0.29
CA ARG A 202 3.81 -9.20 1.15
C ARG A 202 2.45 -9.86 1.33
N TYR A 203 2.44 -11.15 1.70
CA TYR A 203 1.17 -11.90 1.70
C TYR A 203 1.25 -13.09 2.63
N PHE A 204 0.08 -13.50 3.10
CA PHE A 204 -0.09 -14.84 3.68
C PHE A 204 -0.40 -15.86 2.59
N ARG A 205 -0.04 -17.11 2.88
CA ARG A 205 -0.19 -18.24 1.93
C ARG A 205 -0.56 -19.49 2.71
N TYR A 206 -1.63 -20.15 2.31
CA TYR A 206 -2.02 -21.44 2.92
C TYR A 206 -2.93 -22.20 1.99
N LEU A 207 -3.08 -23.50 2.27
CA LEU A 207 -4.03 -24.33 1.54
C LEU A 207 -5.35 -24.37 2.29
N GLY A 208 -6.45 -24.00 1.63
CA GLY A 208 -7.78 -24.02 2.24
C GLY A 208 -8.85 -24.30 1.24
N SER A 209 -9.97 -23.59 1.38
CA SER A 209 -11.26 -23.98 0.78
C SER A 209 -11.96 -22.80 0.14
N LEU A 210 -12.95 -23.14 -0.66
CA LEU A 210 -14.00 -22.16 -0.99
C LEU A 210 -14.70 -21.73 0.31
N THR A 211 -15.25 -20.53 0.32
CA THR A 211 -15.87 -20.02 1.59
C THR A 211 -17.39 -20.03 1.50
N THR A 212 -17.94 -20.64 0.47
CA THR A 212 -19.40 -20.89 0.38
C THR A 212 -19.53 -22.36 0.00
N PRO A 213 -20.71 -22.95 0.27
CA PRO A 213 -20.94 -24.34 -0.08
C PRO A 213 -20.64 -24.53 -1.54
N PRO A 214 -19.98 -25.64 -1.95
CA PRO A 214 -19.64 -26.78 -1.10
C PRO A 214 -18.29 -26.75 -0.38
N CYS A 215 -17.68 -25.57 -0.23
CA CYS A 215 -16.51 -25.42 0.66
C CYS A 215 -15.36 -26.34 0.22
N THR A 216 -15.18 -26.53 -1.07
CA THR A 216 -14.21 -27.51 -1.62
C THR A 216 -12.80 -27.18 -1.13
N GLU A 217 -12.07 -28.19 -0.63
CA GLU A 217 -10.70 -28.00 -0.09
C GLU A 217 -9.69 -28.16 -1.23
N ASN A 218 -9.73 -27.22 -2.18
CA ASN A 218 -8.85 -27.25 -3.35
C ASN A 218 -8.36 -25.85 -3.69
N VAL A 219 -8.28 -24.96 -2.71
CA VAL A 219 -7.91 -23.54 -2.95
C VAL A 219 -6.55 -23.23 -2.36
N LEU A 220 -5.63 -22.80 -3.23
CA LEU A 220 -4.36 -22.17 -2.82
C LEU A 220 -4.65 -20.71 -2.49
N TRP A 221 -4.62 -20.34 -1.23
CA TRP A 221 -4.94 -18.96 -0.80
C TRP A 221 -3.69 -18.09 -0.80
N THR A 222 -3.88 -16.86 -1.26
CA THR A 222 -2.89 -15.76 -1.12
C THR A 222 -3.65 -14.56 -0.62
N VAL A 223 -3.32 -14.05 0.55
CA VAL A 223 -4.04 -12.86 1.09
C VAL A 223 -2.99 -11.77 1.34
N PHE A 224 -3.06 -10.69 0.57
CA PHE A 224 -2.10 -9.57 0.71
C PHE A 224 -2.31 -8.84 2.03
N ILE A 225 -1.23 -8.48 2.71
CA ILE A 225 -1.30 -7.90 4.07
C ILE A 225 -1.65 -6.40 4.00
N ASP A 226 -1.14 -5.71 2.99
CA ASP A 226 -1.40 -4.25 2.84
C ASP A 226 -2.73 -4.06 2.13
N PRO A 227 -3.62 -3.20 2.65
CA PRO A 227 -4.90 -2.96 1.97
C PRO A 227 -4.77 -1.92 0.88
N VAL A 228 -5.65 -2.02 -0.09
CA VAL A 228 -5.90 -0.93 -1.05
C VAL A 228 -6.91 0.02 -0.39
N LEU A 229 -7.12 1.18 -0.99
CA LEU A 229 -7.90 2.24 -0.31
C LEU A 229 -9.19 2.58 -1.05
N ILE A 230 -10.25 2.79 -0.27
CA ILE A 230 -11.60 3.17 -0.75
C ILE A 230 -12.16 4.25 0.16
N THR A 231 -13.27 4.85 -0.25
CA THR A 231 -13.98 5.84 0.57
C THR A 231 -15.27 5.21 1.15
N ARG A 232 -15.87 5.91 2.10
CA ARG A 232 -17.16 5.49 2.66
C ARG A 232 -18.20 5.51 1.54
N GLU A 233 -18.17 6.49 0.65
CA GLU A 233 -19.13 6.57 -0.47
CA GLU A 233 -19.14 6.57 -0.46
C GLU A 233 -19.05 5.29 -1.29
N GLN A 234 -17.83 4.81 -1.56
CA GLN A 234 -17.64 3.59 -2.38
C GLN A 234 -18.16 2.34 -1.63
N ILE A 235 -17.88 2.17 -0.36
CA ILE A 235 -18.37 0.97 0.41
C ILE A 235 -19.91 1.00 0.43
N ASN A 236 -20.51 2.19 0.56
CA ASN A 236 -22.00 2.22 0.62
C ASN A 236 -22.60 1.85 -0.73
N LEU A 237 -21.92 2.04 -1.85
CA LEU A 237 -22.42 1.55 -3.15
C LEU A 237 -22.73 0.04 -3.07
N PHE A 238 -21.82 -0.78 -2.54
CA PHE A 238 -22.07 -2.23 -2.41
C PHE A 238 -23.34 -2.47 -1.57
N ARG A 239 -23.53 -1.69 -0.52
CA ARG A 239 -24.66 -1.88 0.43
C ARG A 239 -26.00 -1.52 -0.21
N ASN A 240 -26.00 -0.90 -1.38
CA ASN A 240 -27.24 -0.60 -2.13
C ASN A 240 -27.75 -1.86 -2.85
N LEU A 241 -26.92 -2.87 -3.08
CA LEU A 241 -27.42 -4.11 -3.75
C LEU A 241 -28.41 -4.85 -2.86
N PRO A 242 -29.49 -5.40 -3.49
CA PRO A 242 -30.40 -6.28 -2.80
C PRO A 242 -29.84 -7.70 -2.73
N TYR A 243 -30.03 -8.32 -1.58
CA TYR A 243 -29.80 -9.77 -1.41
C TYR A 243 -30.77 -10.57 -2.26
N GLY A 244 -30.37 -11.81 -2.60
CA GLY A 244 -31.27 -12.81 -3.18
C GLY A 244 -32.40 -13.18 -2.22
N SER A 245 -33.46 -13.80 -2.73
CA SER A 245 -34.67 -14.10 -1.91
C SER A 245 -34.41 -15.23 -0.91
N ASN A 246 -33.28 -15.92 -0.97
CA ASN A 246 -32.82 -16.93 0.04
C ASN A 246 -32.49 -16.26 1.39
N GLU A 247 -32.22 -14.94 1.39
CA GLU A 247 -31.71 -14.24 2.60
C GLU A 247 -32.88 -13.70 3.43
N LYS A 248 -32.67 -13.60 4.74
CA LYS A 248 -33.58 -12.90 5.73
C LYS A 248 -33.41 -11.39 5.53
N GLN A 249 -32.17 -10.88 5.47
CA GLN A 249 -31.86 -9.42 5.29
C GLN A 249 -32.15 -8.98 3.85
N THR A 250 -32.77 -7.82 3.63
CA THR A 250 -33.12 -7.27 2.30
C THR A 250 -31.87 -6.73 1.59
N ARG A 251 -31.11 -5.87 2.25
CA ARG A 251 -29.90 -5.24 1.68
C ARG A 251 -28.73 -6.20 1.78
N MET A 252 -27.91 -6.24 0.73
CA MET A 252 -26.72 -7.15 0.71
C MET A 252 -25.66 -6.58 1.64
N GLY A 253 -25.19 -7.40 2.56
CA GLY A 253 -24.21 -7.04 3.58
C GLY A 253 -24.00 -8.18 4.56
N ASP A 254 -22.86 -8.22 5.22
CA ASP A 254 -22.48 -9.36 6.08
C ASP A 254 -22.49 -10.65 5.27
N ASN A 255 -22.06 -10.55 4.01
CA ASN A 255 -21.94 -11.69 3.07
C ASN A 255 -20.55 -12.32 3.25
N PHE A 256 -20.21 -12.66 4.49
CA PHE A 256 -18.91 -13.29 4.86
C PHE A 256 -19.19 -14.51 5.71
N ARG A 257 -18.34 -15.52 5.53
CA ARG A 257 -18.30 -16.73 6.35
C ARG A 257 -17.55 -16.45 7.64
N PRO A 258 -18.00 -17.02 8.78
CA PRO A 258 -17.24 -16.95 10.00
C PRO A 258 -15.86 -17.61 9.92
N ILE A 259 -15.03 -17.21 10.84
CA ILE A 259 -13.62 -17.67 10.94
C ILE A 259 -13.60 -19.17 11.27
N GLN A 260 -12.73 -19.89 10.59
CA GLN A 260 -12.41 -21.31 10.78
C GLN A 260 -11.04 -21.41 11.42
N LEU A 261 -10.74 -22.50 12.12
CA LEU A 261 -9.39 -22.74 12.66
C LEU A 261 -8.44 -23.26 11.59
N LEU A 262 -7.19 -22.86 11.67
CA LEU A 262 -6.14 -23.48 10.83
C LEU A 262 -6.16 -25.00 11.06
N ASN A 263 -6.21 -25.44 12.32
CA ASN A 263 -6.16 -26.90 12.63
C ASN A 263 -7.23 -27.23 13.67
N PRO A 264 -8.44 -27.56 13.22
CA PRO A 264 -9.49 -28.09 14.11
C PRO A 264 -8.92 -29.33 14.83
N ILE A 265 -9.46 -29.65 16.01
CA ILE A 265 -8.91 -30.75 16.87
C ILE A 265 -8.93 -32.10 16.14
N ASP A 266 -9.86 -32.29 15.22
CA ASP A 266 -10.09 -33.56 14.51
C ASP A 266 -9.18 -33.67 13.27
N THR A 267 -8.28 -32.72 13.00
CA THR A 267 -7.44 -32.79 11.77
C THR A 267 -6.61 -34.09 11.77
N LEU A 268 -6.42 -34.67 10.60
CA LEU A 268 -5.52 -35.86 10.47
C LEU A 268 -4.17 -35.47 9.90
N ALA A 269 -3.93 -34.22 9.52
CA ALA A 269 -2.59 -33.79 9.11
C ALA A 269 -2.64 -32.26 9.13
N SER A 270 -1.91 -31.69 10.07
CA SER A 270 -1.90 -30.21 10.32
C SER A 270 -1.42 -29.47 9.07
N ARG A 271 -2.04 -28.33 8.78
CA ARG A 271 -1.51 -27.43 7.75
C ARG A 271 -0.80 -26.30 8.47
N THR A 272 -0.01 -25.59 7.68
CA THR A 272 0.87 -24.49 8.16
C THR A 272 0.46 -23.21 7.42
N LEU A 273 0.41 -22.11 8.15
CA LEU A 273 0.22 -20.76 7.55
C LEU A 273 1.59 -20.17 7.23
N TYR A 274 1.80 -19.82 5.98
CA TYR A 274 3.08 -19.25 5.49
C TYR A 274 2.88 -17.75 5.27
N ARG A 275 3.99 -17.03 5.28
CA ARG A 275 4.02 -15.57 4.97
C ARG A 275 5.16 -15.36 3.97
N ALA A 276 5.02 -14.34 3.13
CA ALA A 276 6.00 -13.95 2.09
C ALA A 276 6.37 -12.49 2.34
N THR A 277 7.58 -12.11 1.98
CA THR A 277 8.00 -10.68 2.00
C THR A 277 9.03 -10.46 0.90
N ALA A 278 9.29 -9.21 0.55
CA ALA A 278 10.11 -8.86 -0.63
C ALA A 278 11.54 -9.25 -0.30
N ARG A 279 12.30 -9.66 -1.31
CA ARG A 279 13.76 -9.90 -1.18
C ARG A 279 14.41 -8.64 -0.58
N GLY A 280 14.90 -8.75 0.67
CA GLY A 280 15.72 -7.72 1.36
C GLY A 280 17.21 -8.02 1.23
N GLU B 4 18.31 31.79 10.42
CA GLU B 4 18.53 32.59 9.18
C GLU B 4 17.51 32.19 8.09
N TRP B 5 16.92 31.00 8.21
CA TRP B 5 15.72 30.66 7.41
C TRP B 5 14.65 30.06 8.31
N SER B 6 13.42 30.14 7.86
CA SER B 6 12.25 29.56 8.54
C SER B 6 11.20 29.13 7.52
N TYR B 7 10.13 28.52 8.04
CA TYR B 7 8.91 28.21 7.28
C TYR B 7 7.85 29.27 7.51
N THR B 8 7.78 29.89 8.71
CA THR B 8 6.59 30.66 9.13
C THR B 8 6.89 32.12 9.42
N ASN B 9 8.13 32.54 9.41
CA ASN B 9 8.51 33.95 9.69
C ASN B 9 8.63 34.63 8.35
N ILE B 10 7.73 35.55 8.00
CA ILE B 10 7.74 36.18 6.64
C ILE B 10 9.08 36.89 6.38
N LEU B 11 9.91 37.18 7.39
CA LEU B 11 11.25 37.80 7.14
C LEU B 11 12.19 36.80 6.47
N THR B 12 12.01 35.50 6.75
CA THR B 12 13.02 34.46 6.45
C THR B 12 12.39 33.23 5.79
N GLY B 13 11.12 33.34 5.41
CA GLY B 13 10.24 32.25 4.96
C GLY B 13 10.60 31.83 3.55
N PRO B 14 9.94 30.77 3.06
CA PRO B 14 10.29 30.18 1.77
C PRO B 14 10.23 31.14 0.58
N GLU B 15 9.36 32.17 0.62
CA GLU B 15 9.26 33.14 -0.50
C GLU B 15 10.53 34.01 -0.56
N THR B 16 11.37 34.02 0.49
CA THR B 16 12.61 34.85 0.54
C THR B 16 13.84 34.04 0.12
N TRP B 17 13.72 32.69 -0.03
CA TRP B 17 14.94 31.90 -0.23
C TRP B 17 15.60 32.21 -1.59
N HIS B 18 14.81 32.51 -2.63
CA HIS B 18 15.32 32.76 -4.02
C HIS B 18 16.32 33.93 -3.97
N GLU B 19 16.04 34.88 -3.09
CA GLU B 19 16.84 36.12 -2.89
C GLU B 19 17.93 35.87 -1.84
N HIS B 20 17.63 35.24 -0.70
CA HIS B 20 18.61 35.10 0.42
C HIS B 20 19.63 34.02 0.13
N TYR B 21 19.28 32.98 -0.66
CA TYR B 21 20.19 31.85 -0.96
C TYR B 21 20.20 31.59 -2.46
N LYS B 22 20.65 32.55 -3.27
CA LYS B 22 20.53 32.42 -4.75
C LYS B 22 21.20 31.13 -5.21
N ASN B 23 22.33 30.73 -4.62
CA ASN B 23 23.00 29.43 -4.86
C ASN B 23 22.52 28.48 -3.78
N MET B 24 21.51 27.64 -4.06
CA MET B 24 20.91 27.40 -5.37
C MET B 24 19.38 27.53 -5.35
N CYS B 25 18.78 28.26 -4.40
CA CYS B 25 17.30 28.35 -4.27
C CYS B 25 16.68 29.20 -5.39
N SER B 26 17.50 29.86 -6.20
CA SER B 26 17.04 30.59 -7.41
C SER B 26 17.06 29.71 -8.66
N GLY B 27 17.44 28.43 -8.57
CA GLY B 27 17.64 27.59 -9.75
C GLY B 27 16.35 27.13 -10.43
N TYR B 28 16.52 26.32 -11.44
CA TYR B 28 15.38 25.80 -12.22
C TYR B 28 15.32 24.27 -12.18
N TYR B 29 16.04 23.64 -11.26
CA TYR B 29 15.91 22.18 -11.01
C TYR B 29 15.50 22.00 -9.53
N GLN B 30 14.50 22.76 -9.07
CA GLN B 30 14.12 22.80 -7.65
C GLN B 30 13.08 21.72 -7.33
N SER B 31 12.97 21.47 -6.03
CA SER B 31 11.98 20.54 -5.44
C SER B 31 11.28 21.24 -4.31
N PRO B 32 10.06 20.85 -3.88
CA PRO B 32 9.26 19.79 -4.48
C PRO B 32 8.53 20.28 -5.73
N ILE B 33 7.95 19.32 -6.44
CA ILE B 33 7.13 19.54 -7.65
C ILE B 33 5.81 18.81 -7.48
N ASP B 34 4.85 19.19 -8.31
CA ASP B 34 3.61 18.41 -8.52
C ASP B 34 3.94 17.19 -9.39
N LEU B 35 3.71 16.01 -8.84
CA LEU B 35 3.95 14.73 -9.56
C LEU B 35 2.72 14.37 -10.37
N LYS B 36 2.80 14.64 -11.67
CA LYS B 36 1.66 14.58 -12.62
C LYS B 36 1.73 13.21 -13.31
N THR B 37 0.80 12.33 -13.00
CA THR B 37 0.78 10.97 -13.58
C THR B 37 0.70 11.02 -15.12
N ASP B 38 -0.13 11.91 -15.66
CA ASP B 38 -0.38 12.10 -17.12
C ASP B 38 0.87 12.72 -17.80
N ILE B 39 1.51 13.72 -17.19
CA ILE B 39 2.71 14.38 -17.77
C ILE B 39 3.97 13.84 -17.09
N SER B 40 4.10 12.51 -17.09
CA SER B 40 5.29 11.78 -16.67
C SER B 40 5.57 10.69 -17.70
N THR B 41 6.81 10.26 -17.79
CA THR B 41 7.26 9.22 -18.73
C THR B 41 7.50 7.91 -17.97
N LEU B 42 6.75 6.86 -18.36
CA LEU B 42 7.01 5.53 -17.74
C LEU B 42 8.38 5.00 -18.19
N ASP B 43 9.24 4.57 -17.27
CA ASP B 43 10.56 3.98 -17.60
C ASP B 43 10.60 2.60 -16.95
N LEU B 44 10.40 1.58 -17.78
CA LEU B 44 10.30 0.17 -17.30
C LEU B 44 11.65 -0.30 -16.80
N LYS B 45 12.76 0.39 -17.08
CA LYS B 45 14.09 -0.02 -16.57
C LYS B 45 14.28 0.37 -15.09
N LEU B 46 13.40 1.19 -14.52
CA LEU B 46 13.57 1.64 -13.11
C LEU B 46 13.07 0.52 -12.18
N LYS B 47 13.95 0.03 -11.35
CA LYS B 47 13.71 -1.26 -10.63
C LYS B 47 13.16 -1.02 -9.24
N THR B 48 12.74 -2.12 -8.62
CA THR B 48 12.24 -2.10 -7.25
C THR B 48 13.31 -1.52 -6.33
N VAL B 49 12.88 -0.66 -5.41
CA VAL B 49 13.77 -0.09 -4.37
C VAL B 49 13.86 -1.12 -3.20
N ILE B 50 15.08 -1.31 -2.73
CA ILE B 50 15.37 -2.15 -1.55
C ILE B 50 16.05 -1.31 -0.52
N ILE B 51 15.63 -1.43 0.74
CA ILE B 51 16.36 -0.87 1.88
C ILE B 51 16.86 -2.04 2.73
N TYR B 52 18.11 -1.97 3.16
CA TYR B 52 18.79 -3.13 3.82
C TYR B 52 19.80 -2.61 4.82
N ARG B 53 19.99 -3.44 5.87
CA ARG B 53 20.86 -3.08 7.02
C ARG B 53 22.13 -3.93 7.03
N ASN B 54 23.21 -3.34 7.51
CA ASN B 54 24.46 -3.98 7.93
C ASN B 54 24.14 -4.65 9.28
N THR B 55 23.92 -5.96 9.29
CA THR B 55 23.49 -6.68 10.53
C THR B 55 24.64 -6.68 11.54
N SER B 56 25.86 -6.27 11.20
CA SER B 56 26.96 -6.25 12.18
C SER B 56 27.16 -4.83 12.75
N SER B 57 26.33 -3.84 12.35
CA SER B 57 26.33 -2.51 13.00
C SER B 57 25.59 -2.60 14.34
N THR B 58 26.17 -2.03 15.41
CA THR B 58 25.59 -2.02 16.77
C THR B 58 25.40 -0.60 17.29
N GLU B 59 25.89 0.42 16.60
CA GLU B 59 25.73 1.82 17.11
C GLU B 59 24.24 2.20 17.18
N THR B 60 23.94 3.10 18.11
CA THR B 60 22.58 3.54 18.47
C THR B 60 22.03 4.50 17.40
N THR B 61 20.72 4.52 17.26
CA THR B 61 19.97 5.53 16.47
C THR B 61 19.51 6.63 17.42
N THR B 62 19.45 7.90 17.00
CA THR B 62 18.90 9.02 17.80
C THR B 62 17.84 9.76 17.01
N ILE B 63 17.06 10.56 17.71
CA ILE B 63 16.12 11.52 17.09
C ILE B 63 16.37 12.88 17.71
N GLN B 64 16.27 13.92 16.89
CA GLN B 64 16.49 15.32 17.32
C GLN B 64 15.30 16.15 16.89
N ASN B 65 14.86 17.09 17.72
CA ASN B 65 14.08 18.26 17.28
C ASN B 65 15.13 19.27 16.81
N ASN B 66 15.27 19.50 15.51
CA ASN B 66 16.33 20.38 15.01
C ASN B 66 15.78 21.80 14.81
N GLY B 67 14.57 22.08 15.29
CA GLY B 67 13.84 23.35 15.18
C GLY B 67 13.06 23.45 13.88
N HIS B 68 13.32 22.57 12.90
CA HIS B 68 12.61 22.53 11.59
C HIS B 68 11.72 21.29 11.50
N SER B 69 12.20 20.17 12.04
CA SER B 69 11.52 18.86 11.87
C SER B 69 11.92 17.93 13.02
N ALA B 70 11.30 16.75 13.07
CA ALA B 70 11.82 15.63 13.87
C ALA B 70 12.73 14.81 12.98
N GLU B 71 14.00 14.73 13.35
CA GLU B 71 15.07 14.14 12.51
C GLU B 71 15.65 12.92 13.19
N VAL B 72 15.38 11.75 12.62
CA VAL B 72 16.08 10.51 13.01
C VAL B 72 17.45 10.52 12.38
N LYS B 73 18.47 10.38 13.22
CA LYS B 73 19.88 10.34 12.81
C LYS B 73 20.35 8.90 12.93
N PHE B 74 20.67 8.29 11.80
CA PHE B 74 21.19 6.90 11.76
C PHE B 74 22.68 6.92 11.89
N PRO B 75 23.26 5.89 12.53
CA PRO B 75 24.71 5.81 12.58
C PRO B 75 25.25 5.56 11.16
N ARG B 76 26.50 5.90 10.97
CA ARG B 76 27.23 5.55 9.70
C ARG B 76 27.26 4.06 9.44
N ASN B 77 27.36 3.69 8.16
CA ASN B 77 27.65 2.31 7.72
C ASN B 77 26.58 1.33 8.20
N THR B 78 25.33 1.76 8.31
CA THR B 78 24.31 0.89 8.90
C THR B 78 23.16 0.61 7.92
N TRP B 79 22.52 1.64 7.36
CA TRP B 79 21.32 1.44 6.49
C TRP B 79 21.64 1.93 5.05
N PHE B 80 21.13 1.18 4.09
CA PHE B 80 21.47 1.35 2.65
C PHE B 80 20.22 1.28 1.80
N ILE B 81 20.34 1.87 0.62
CA ILE B 81 19.36 1.76 -0.47
C ILE B 81 20.06 1.11 -1.67
N SER B 82 19.32 0.23 -2.30
CA SER B 82 19.72 -0.35 -3.60
C SER B 82 18.60 -0.05 -4.60
N PHE B 83 18.97 0.52 -5.72
CA PHE B 83 18.10 0.78 -6.88
C PHE B 83 18.32 -0.26 -7.98
N ASP B 84 19.32 -1.16 -7.82
CA ASP B 84 19.72 -2.02 -8.97
C ASP B 84 19.67 -3.51 -8.56
N GLY B 85 19.14 -3.84 -7.38
CA GLY B 85 19.04 -5.23 -6.89
C GLY B 85 20.36 -5.76 -6.33
N ILE B 86 21.43 -4.99 -6.39
CA ILE B 86 22.74 -5.40 -5.84
C ILE B 86 22.88 -4.77 -4.44
N LEU B 87 23.28 -5.56 -3.44
CA LEU B 87 23.44 -5.07 -2.05
C LEU B 87 24.91 -4.69 -1.81
N ASP B 88 25.41 -3.70 -2.55
CA ASP B 88 26.85 -3.34 -2.54
C ASP B 88 27.07 -1.92 -2.05
N TYR B 89 26.12 -1.36 -1.29
CA TYR B 89 26.35 -0.16 -0.45
C TYR B 89 26.55 1.08 -1.34
N LYS B 90 25.85 1.16 -2.47
CA LYS B 90 25.96 2.32 -3.39
C LYS B 90 25.38 3.60 -2.74
N TYR B 91 24.31 3.47 -1.96
CA TYR B 91 23.65 4.61 -1.29
C TYR B 91 23.54 4.26 0.19
N GLU B 92 24.03 5.15 1.01
CA GLU B 92 24.08 4.98 2.49
C GLU B 92 23.14 6.02 3.11
N ILE B 93 22.18 5.54 3.90
CA ILE B 93 21.18 6.39 4.59
C ILE B 93 21.85 7.13 5.74
N ILE B 94 21.53 8.40 5.83
CA ILE B 94 22.04 9.36 6.85
C ILE B 94 20.96 9.61 7.88
N GLN B 95 19.76 9.99 7.45
CA GLN B 95 18.75 10.49 8.38
C GLN B 95 17.38 10.37 7.73
N MET B 96 16.35 10.37 8.56
CA MET B 96 14.96 10.45 8.09
C MET B 96 14.31 11.59 8.83
N HIS B 97 13.60 12.46 8.14
CA HIS B 97 12.82 13.54 8.77
C HIS B 97 11.44 13.62 8.11
N PHE B 98 10.64 14.57 8.58
CA PHE B 98 9.21 14.62 8.25
C PHE B 98 8.77 16.04 7.95
N HIS B 99 7.73 16.12 7.15
CA HIS B 99 7.02 17.36 6.79
C HIS B 99 5.55 17.10 7.03
N TRP B 100 4.92 17.99 7.79
CA TRP B 100 3.48 17.88 8.06
C TRP B 100 2.81 19.25 8.22
N GLY B 101 1.49 19.20 8.33
CA GLY B 101 0.59 20.36 8.27
C GLY B 101 0.04 20.70 9.63
N ASN B 102 -0.39 21.95 9.80
CA ASN B 102 -1.14 22.34 11.03
C ASN B 102 -2.45 21.54 11.09
N THR B 103 -2.97 21.19 9.93
CA THR B 103 -4.27 20.51 9.68
C THR B 103 -4.04 19.27 8.82
N ASP B 104 -5.00 18.34 8.80
CA ASP B 104 -4.83 17.02 8.12
C ASP B 104 -4.89 17.17 6.60
N ASP B 105 -5.33 18.30 6.06
CA ASP B 105 -5.53 18.42 4.60
C ASP B 105 -4.25 18.94 3.89
N ARG B 106 -3.16 19.13 4.63
CA ARG B 106 -1.86 19.56 4.05
C ARG B 106 -0.70 19.03 4.87
N GLY B 107 0.54 19.16 4.36
CA GLY B 107 1.72 18.71 5.08
C GLY B 107 2.80 18.26 4.12
N SER B 108 2.43 17.56 3.06
CA SER B 108 3.45 16.99 2.17
C SER B 108 4.15 18.11 1.40
N GLU B 109 5.34 17.81 0.94
CA GLU B 109 6.06 18.78 0.07
C GLU B 109 5.65 18.52 -1.35
N HIS B 110 5.82 17.29 -1.82
CA HIS B 110 5.31 16.88 -3.13
C HIS B 110 3.79 16.75 -3.03
N THR B 111 3.15 16.98 -4.15
CA THR B 111 1.76 16.64 -4.41
C THR B 111 1.73 15.59 -5.50
N ILE B 112 0.70 14.75 -5.48
CA ILE B 112 0.42 13.78 -6.57
C ILE B 112 -0.89 14.17 -7.23
N ASP B 113 -0.80 14.60 -8.49
CA ASP B 113 -1.93 15.16 -9.26
C ASP B 113 -2.61 16.27 -8.44
N GLY B 114 -1.85 17.13 -7.75
CA GLY B 114 -2.34 18.29 -7.00
C GLY B 114 -2.82 17.95 -5.59
N PHE B 115 -2.77 16.67 -5.20
CA PHE B 115 -3.21 16.20 -3.87
C PHE B 115 -2.10 16.27 -2.85
N ARG B 116 -2.40 16.92 -1.73
CA ARG B 116 -1.51 17.06 -0.57
C ARG B 116 -1.84 15.96 0.44
N PHE B 117 -0.82 15.27 0.91
CA PHE B 117 -0.91 14.28 2.03
C PHE B 117 -0.65 14.96 3.36
N PRO B 118 -1.09 14.40 4.50
CA PRO B 118 -0.84 15.03 5.78
C PRO B 118 0.58 14.94 6.27
N LEU B 119 1.38 14.00 5.74
CA LEU B 119 2.74 13.77 6.25
C LEU B 119 3.57 13.17 5.11
N GLU B 120 4.75 13.75 4.87
CA GLU B 120 5.74 13.18 3.93
C GLU B 120 7.00 12.92 4.70
N GLY B 121 7.48 11.67 4.69
CA GLY B 121 8.78 11.33 5.28
C GLY B 121 9.86 11.30 4.21
N HIS B 122 11.03 11.80 4.55
CA HIS B 122 12.21 11.84 3.65
C HIS B 122 13.33 11.01 4.25
N ILE B 123 13.74 10.01 3.51
CA ILE B 123 14.89 9.14 3.87
C ILE B 123 16.07 9.63 3.03
N VAL B 124 17.02 10.27 3.68
CA VAL B 124 18.14 10.97 2.98
C VAL B 124 19.36 10.07 2.97
N SER B 125 19.94 9.85 1.79
CA SER B 125 21.11 8.98 1.58
C SER B 125 22.17 9.72 0.78
N PHE B 126 23.43 9.34 0.91
CA PHE B 126 24.48 9.85 0.02
C PHE B 126 24.98 8.73 -0.89
N ARG B 127 25.52 9.14 -2.03
CA ARG B 127 25.96 8.20 -3.07
C ARG B 127 27.39 7.76 -2.67
N ARG B 128 27.41 6.78 -1.78
CA ARG B 128 28.67 6.16 -1.27
C ARG B 128 29.45 5.52 -2.44
N GLN B 129 28.77 5.05 -3.48
CA GLN B 129 29.41 4.60 -4.74
C GLN B 129 30.51 5.60 -5.16
N MET B 130 30.31 6.91 -5.02
CA MET B 130 31.27 7.96 -5.47
C MET B 130 31.96 8.66 -4.30
N TYR B 131 31.25 8.94 -3.20
CA TYR B 131 31.64 9.89 -2.16
C TYR B 131 31.81 9.12 -0.85
N SER B 132 32.88 9.38 -0.13
CA SER B 132 33.27 8.52 1.02
C SER B 132 32.51 8.95 2.30
N SER B 133 31.84 10.10 2.33
CA SER B 133 31.12 10.51 3.56
C SER B 133 29.95 11.43 3.22
N PRO B 134 28.98 11.60 4.13
CA PRO B 134 27.95 12.63 3.94
C PRO B 134 28.58 13.99 3.66
N SER B 135 29.59 14.42 4.44
CA SER B 135 30.08 15.83 4.35
C SER B 135 30.71 16.05 2.95
N GLU B 136 31.29 15.02 2.36
CA GLU B 136 31.91 15.04 1.01
C GLU B 136 30.79 15.08 -0.05
N ALA B 137 29.64 14.47 0.21
CA ALA B 137 28.56 14.28 -0.78
C ALA B 137 27.59 15.48 -0.82
N ILE B 138 27.28 16.04 0.35
CA ILE B 138 26.07 16.91 0.47
C ILE B 138 26.17 18.14 -0.43
N GLY B 139 27.37 18.65 -0.73
CA GLY B 139 27.52 19.85 -1.57
C GLY B 139 27.98 19.53 -2.98
N ARG B 140 28.08 18.26 -3.35
CA ARG B 140 28.74 17.90 -4.62
C ARG B 140 27.72 17.42 -5.63
N PRO B 141 28.03 17.50 -6.94
CA PRO B 141 27.11 17.02 -7.96
C PRO B 141 26.74 15.56 -7.76
N GLY B 142 25.44 15.25 -7.93
CA GLY B 142 24.95 13.87 -7.87
C GLY B 142 25.22 13.22 -6.51
N GLY B 143 25.41 14.01 -5.45
CA GLY B 143 25.74 13.51 -4.10
C GLY B 143 24.63 12.74 -3.40
N LEU B 144 23.38 13.09 -3.59
CA LEU B 144 22.30 12.68 -2.65
C LEU B 144 21.20 11.96 -3.39
N ALA B 145 20.47 11.12 -2.65
CA ALA B 145 19.26 10.45 -3.14
C ALA B 145 18.30 10.42 -1.95
N VAL B 146 17.10 10.92 -2.17
CA VAL B 146 16.07 11.00 -1.10
C VAL B 146 14.88 10.17 -1.54
N LEU B 147 14.37 9.38 -0.60
CA LEU B 147 13.07 8.66 -0.76
C LEU B 147 11.97 9.44 -0.04
N GLY B 148 10.89 9.68 -0.75
CA GLY B 148 9.68 10.30 -0.21
C GLY B 148 8.61 9.27 0.02
N ILE B 149 8.13 9.22 1.25
CA ILE B 149 7.06 8.27 1.68
C ILE B 149 5.87 9.10 2.14
N MET B 150 4.78 9.00 1.39
CA MET B 150 3.49 9.64 1.73
C MET B 150 2.81 8.82 2.83
N HIS B 151 2.11 9.51 3.70
CA HIS B 151 1.31 8.89 4.78
C HIS B 151 -0.11 9.37 4.67
N GLN B 152 -1.09 8.48 4.81
CA GLN B 152 -2.50 8.89 4.83
C GLN B 152 -3.15 8.40 6.13
N ILE B 153 -4.07 9.19 6.61
CA ILE B 153 -4.77 8.94 7.91
C ILE B 153 -5.95 8.01 7.64
N VAL B 154 -6.05 6.99 8.49
CA VAL B 154 -7.22 6.06 8.49
C VAL B 154 -7.80 6.01 9.92
N GLU B 155 -9.09 5.68 10.00
CA GLU B 155 -9.81 5.65 11.32
C GLU B 155 -9.66 4.24 11.91
N SER B 156 -9.58 3.22 11.07
CA SER B 156 -9.66 1.82 11.56
C SER B 156 -8.39 1.08 11.17
N ILE B 157 -7.51 0.80 12.13
CA ILE B 157 -6.27 0.05 11.81
C ILE B 157 -5.63 -0.52 13.07
N LYS B 158 -4.99 -1.68 13.00
CA LYS B 158 -4.17 -2.14 14.15
C LYS B 158 -2.85 -1.36 14.17
N TYR B 159 -2.36 -1.03 15.37
CA TYR B 159 -1.08 -0.33 15.54
C TYR B 159 0.00 -0.97 14.65
N GLU B 160 0.08 -2.30 14.66
CA GLU B 160 1.16 -3.04 14.00
C GLU B 160 1.14 -2.84 12.49
N GLN B 161 0.03 -2.37 11.91
CA GLN B 161 -0.04 -2.16 10.44
C GLN B 161 0.15 -0.68 10.08
N THR B 162 0.45 0.17 11.06
CA THR B 162 0.72 1.60 10.84
C THR B 162 2.21 1.80 10.62
N ALA B 163 2.56 2.91 9.99
CA ALA B 163 3.97 3.27 9.79
C ALA B 163 4.65 3.43 11.17
N PHE B 164 3.88 3.83 12.19
CA PHE B 164 4.49 4.04 13.53
C PHE B 164 5.04 2.71 14.10
N LYS B 165 4.49 1.56 13.70
CA LYS B 165 5.13 0.27 14.07
C LYS B 165 6.54 0.22 13.51
N ALA B 166 6.76 0.62 12.25
CA ALA B 166 8.14 0.63 11.68
C ALA B 166 9.03 1.62 12.44
N TYR B 167 8.46 2.75 12.88
CA TYR B 167 9.20 3.80 13.63
C TYR B 167 9.37 3.37 15.11
N ASN B 168 8.80 2.25 15.51
CA ASN B 168 8.79 1.81 16.94
C ASN B 168 8.26 2.95 17.80
N ASN B 169 7.26 3.67 17.28
CA ASN B 169 6.62 4.83 17.94
C ASN B 169 7.65 5.92 18.34
N PHE B 170 8.80 5.95 17.70
CA PHE B 170 9.93 6.86 18.02
C PHE B 170 10.22 6.73 19.53
N SER B 171 10.02 5.52 20.07
CA SER B 171 10.31 5.12 21.47
C SER B 171 9.60 6.08 22.46
N GLY B 172 8.50 6.69 22.04
CA GLY B 172 7.63 7.54 22.88
C GLY B 172 8.24 8.88 23.22
N VAL B 173 9.31 9.28 22.51
CA VAL B 173 10.12 10.50 22.76
C VAL B 173 9.37 11.77 22.33
N LEU B 174 8.42 11.71 21.40
CA LEU B 174 7.75 12.92 20.88
C LEU B 174 6.77 13.51 21.92
N ASN B 175 7.06 14.71 22.43
CA ASN B 175 6.13 15.47 23.31
C ASN B 175 6.53 16.94 23.32
N SER B 176 5.70 17.77 23.97
CA SER B 176 5.85 19.24 24.09
C SER B 176 7.20 19.63 24.71
N GLN B 177 7.84 18.76 25.51
CA GLN B 177 9.14 19.09 26.16
C GLN B 177 10.32 18.64 25.31
N PHE B 178 10.06 18.06 24.13
CA PHE B 178 11.15 17.62 23.24
C PHE B 178 11.55 18.83 22.40
N VAL B 179 12.39 19.69 23.00
CA VAL B 179 12.63 21.08 22.51
C VAL B 179 13.89 21.05 21.68
N PRO B 180 14.01 21.97 20.69
CA PRO B 180 15.23 22.08 19.91
C PRO B 180 16.32 22.54 20.87
N PRO B 181 17.60 22.14 20.72
CA PRO B 181 18.07 21.18 19.71
C PRO B 181 18.31 19.79 20.32
N ASN B 182 17.46 19.42 21.29
CA ASN B 182 17.59 18.18 22.09
C ASN B 182 17.52 16.96 21.18
N ASN B 183 18.32 15.95 21.51
CA ASN B 183 18.18 14.60 20.92
C ASN B 183 18.02 13.56 22.04
N SER B 184 17.45 12.43 21.68
CA SER B 184 17.27 11.24 22.54
C SER B 184 17.67 9.99 21.76
N THR B 185 18.35 9.06 22.41
CA THR B 185 18.50 7.67 21.91
C THR B 185 17.10 7.08 21.67
N ILE B 186 16.91 6.33 20.58
CA ILE B 186 15.61 5.65 20.31
C ILE B 186 15.92 4.24 19.82
N ASP B 187 14.96 3.32 19.90
CA ASP B 187 15.06 1.99 19.23
C ASP B 187 15.22 2.25 17.73
N ASP B 188 15.97 1.39 17.06
CA ASP B 188 16.24 1.60 15.61
C ASP B 188 14.90 1.54 14.90
N ILE B 189 14.83 2.26 13.78
CA ILE B 189 13.69 2.26 12.83
C ILE B 189 13.80 1.02 11.96
N ASN B 190 12.73 0.26 11.79
CA ASN B 190 12.72 -0.90 10.89
C ASN B 190 12.33 -0.36 9.50
N LEU B 191 13.31 0.15 8.77
CA LEU B 191 13.02 0.76 7.45
C LEU B 191 12.59 -0.29 6.42
N ALA B 192 13.00 -1.54 6.55
CA ALA B 192 12.54 -2.63 5.65
C ALA B 192 11.04 -2.86 5.85
N LEU B 193 10.56 -2.87 7.10
CA LEU B 193 9.11 -2.98 7.35
C LEU B 193 8.41 -1.77 6.74
N LEU B 194 8.96 -0.58 6.93
CA LEU B 194 8.29 0.64 6.39
C LEU B 194 8.07 0.47 4.89
N LEU B 195 9.12 0.10 4.16
CA LEU B 195 9.01 -0.03 2.69
C LEU B 195 8.00 -1.14 2.34
N SER B 196 7.87 -2.17 3.17
CA SER B 196 6.95 -3.30 2.88
C SER B 196 5.47 -2.85 3.01
N LEU B 197 5.21 -1.71 3.66
CA LEU B 197 3.85 -1.17 3.91
C LEU B 197 3.32 -0.47 2.64
N LEU B 198 4.16 -0.27 1.62
CA LEU B 198 3.74 0.27 0.32
C LEU B 198 4.30 -0.58 -0.83
N ASN B 199 4.01 -0.21 -2.07
CA ASN B 199 4.56 -0.90 -3.25
C ASN B 199 5.92 -0.28 -3.61
N PRO B 200 7.06 -0.95 -3.39
CA PRO B 200 8.36 -0.32 -3.59
C PRO B 200 8.79 -0.27 -5.06
N SER B 201 7.96 -0.77 -5.97
CA SER B 201 8.17 -0.74 -7.45
C SER B 201 7.46 0.45 -8.09
N ARG B 202 6.57 1.13 -7.38
CA ARG B 202 5.65 2.12 -7.94
C ARG B 202 6.01 3.53 -7.43
N TYR B 203 6.70 4.32 -8.25
CA TYR B 203 7.22 5.60 -7.74
C TYR B 203 7.38 6.58 -8.91
N PHE B 204 7.43 7.87 -8.54
CA PHE B 204 7.99 8.93 -9.41
C PHE B 204 9.49 9.07 -9.19
N ARG B 205 10.18 9.52 -10.24
CA ARG B 205 11.65 9.64 -10.24
C ARG B 205 11.99 10.92 -11.02
N TYR B 206 12.79 11.79 -10.42
CA TYR B 206 13.31 12.93 -11.20
C TYR B 206 14.55 13.47 -10.50
N LEU B 207 15.29 14.34 -11.21
CA LEU B 207 16.47 15.06 -10.65
C LEU B 207 16.01 16.41 -10.10
N GLY B 208 16.28 16.66 -8.84
CA GLY B 208 15.87 17.93 -8.22
C GLY B 208 16.81 18.35 -7.13
N SER B 209 16.26 18.87 -6.04
CA SER B 209 17.03 19.68 -5.08
C SER B 209 16.68 19.32 -3.65
N LEU B 210 17.53 19.75 -2.74
CA LEU B 210 17.13 19.90 -1.33
C LEU B 210 15.94 20.87 -1.27
N THR B 211 15.06 20.71 -0.26
CA THR B 211 13.84 21.54 -0.14
C THR B 211 13.96 22.52 1.02
N THR B 212 15.15 22.66 1.58
CA THR B 212 15.49 23.78 2.48
C THR B 212 16.79 24.41 1.98
N PRO B 213 17.07 25.64 2.40
CA PRO B 213 18.27 26.30 1.92
C PRO B 213 19.48 25.43 2.26
N PRO B 214 20.53 25.35 1.40
CA PRO B 214 20.68 26.15 0.18
C PRO B 214 20.10 25.50 -1.09
N CYS B 215 19.14 24.56 -0.95
CA CYS B 215 18.37 24.06 -2.11
C CYS B 215 19.28 23.44 -3.18
N THR B 216 20.32 22.75 -2.77
CA THR B 216 21.35 22.23 -3.69
C THR B 216 20.68 21.36 -4.73
N GLU B 217 21.04 21.54 -5.99
CA GLU B 217 20.44 20.76 -7.12
C GLU B 217 21.29 19.50 -7.32
N ASN B 218 21.29 18.61 -6.34
CA ASN B 218 22.09 17.37 -6.44
C ASN B 218 21.33 16.16 -5.88
N VAL B 219 20.01 16.23 -5.92
CA VAL B 219 19.17 15.15 -5.33
C VAL B 219 18.51 14.30 -6.40
N LEU B 220 18.77 12.99 -6.36
CA LEU B 220 17.99 11.99 -7.12
C LEU B 220 16.72 11.69 -6.29
N TRP B 221 15.58 12.18 -6.71
CA TRP B 221 14.28 12.01 -6.00
C TRP B 221 13.56 10.72 -6.42
N THR B 222 13.01 10.03 -5.42
CA THR B 222 12.13 8.87 -5.60
C THR B 222 10.96 9.13 -4.65
N VAL B 223 9.78 9.23 -5.17
CA VAL B 223 8.55 9.45 -4.33
C VAL B 223 7.57 8.33 -4.62
N PHE B 224 7.33 7.46 -3.62
CA PHE B 224 6.41 6.32 -3.78
C PHE B 224 4.98 6.82 -3.93
N ILE B 225 4.26 6.21 -4.86
CA ILE B 225 2.89 6.65 -5.19
C ILE B 225 1.90 6.18 -4.11
N ASP B 226 2.07 4.97 -3.60
CA ASP B 226 1.14 4.41 -2.60
C ASP B 226 1.54 4.90 -1.22
N PRO B 227 0.60 5.47 -0.43
CA PRO B 227 0.92 5.91 0.93
C PRO B 227 0.94 4.75 1.93
N VAL B 228 1.74 4.94 2.95
CA VAL B 228 1.63 4.14 4.21
C VAL B 228 0.56 4.79 5.08
N LEU B 229 0.09 4.07 6.09
CA LEU B 229 -1.11 4.47 6.87
C LEU B 229 -0.74 4.81 8.30
N ILE B 230 -1.37 5.87 8.80
CA ILE B 230 -1.23 6.34 10.18
C ILE B 230 -2.61 6.70 10.73
N THR B 231 -2.65 6.96 12.03
CA THR B 231 -3.87 7.46 12.70
C THR B 231 -3.75 8.95 12.97
N ARG B 232 -4.89 9.54 13.29
CA ARG B 232 -5.01 10.97 13.69
C ARG B 232 -4.22 11.19 14.99
N GLU B 233 -4.24 10.22 15.91
CA GLU B 233 -3.46 10.33 17.18
C GLU B 233 -1.97 10.37 16.82
N GLN B 234 -1.54 9.64 15.79
CA GLN B 234 -0.11 9.58 15.44
C GLN B 234 0.31 10.91 14.82
N ILE B 235 -0.46 11.48 13.90
CA ILE B 235 -0.04 12.76 13.24
C ILE B 235 0.06 13.82 14.36
N ASN B 236 -0.83 13.75 15.36
CA ASN B 236 -0.88 14.81 16.41
C ASN B 236 0.36 14.73 17.29
N LEU B 237 1.03 13.60 17.39
CA LEU B 237 2.29 13.51 18.17
C LEU B 237 3.35 14.44 17.56
N PHE B 238 3.38 14.56 16.22
CA PHE B 238 4.34 15.52 15.59
C PHE B 238 3.96 16.96 15.97
N ARG B 239 2.67 17.28 15.96
CA ARG B 239 2.15 18.67 16.14
C ARG B 239 2.40 19.19 17.55
N ASN B 240 2.79 18.33 18.51
CA ASN B 240 3.10 18.73 19.91
C ASN B 240 4.48 19.36 19.96
N LEU B 241 5.35 19.08 18.97
CA LEU B 241 6.74 19.55 19.05
C LEU B 241 6.74 21.06 18.93
N PRO B 242 7.59 21.76 19.70
CA PRO B 242 7.81 23.19 19.49
C PRO B 242 8.74 23.44 18.30
N TYR B 243 8.39 24.45 17.51
CA TYR B 243 9.32 25.06 16.51
C TYR B 243 10.50 25.73 17.20
N GLY B 244 11.63 25.87 16.48
CA GLY B 244 12.78 26.72 16.87
C GLY B 244 12.38 28.18 16.97
N SER B 245 13.18 29.00 17.66
CA SER B 245 12.87 30.43 17.93
C SER B 245 12.90 31.27 16.64
N ASN B 246 13.58 30.78 15.57
CA ASN B 246 13.60 31.38 14.20
C ASN B 246 12.16 31.53 13.65
N GLU B 247 11.22 30.72 14.12
CA GLU B 247 9.84 30.64 13.58
C GLU B 247 8.92 31.64 14.28
N LYS B 248 7.88 32.04 13.60
CA LYS B 248 6.79 32.86 14.19
C LYS B 248 5.79 31.93 14.89
N GLN B 249 5.41 30.82 14.25
CA GLN B 249 4.44 29.85 14.81
C GLN B 249 5.14 29.12 15.97
N THR B 250 4.43 28.88 17.07
CA THR B 250 4.98 28.23 18.28
C THR B 250 5.11 26.71 18.06
N ARG B 251 4.03 26.08 17.65
CA ARG B 251 3.99 24.60 17.50
C ARG B 251 4.51 24.26 16.09
N MET B 252 5.26 23.19 15.98
CA MET B 252 5.85 22.75 14.68
C MET B 252 4.72 22.21 13.80
N GLY B 253 4.60 22.78 12.62
CA GLY B 253 3.63 22.43 11.59
C GLY B 253 3.78 23.32 10.37
N ASP B 254 3.30 22.88 9.22
CA ASP B 254 3.45 23.59 7.94
C ASP B 254 4.94 23.78 7.68
N ASN B 255 5.73 22.78 8.02
CA ASN B 255 7.19 22.74 7.77
C ASN B 255 7.42 22.08 6.40
N PHE B 256 6.86 22.68 5.37
CA PHE B 256 7.00 22.24 3.96
C PHE B 256 7.28 23.46 3.08
N ARG B 257 8.00 23.21 2.00
CA ARG B 257 8.30 24.22 0.97
C ARG B 257 7.18 24.24 -0.04
N PRO B 258 6.82 25.42 -0.59
CA PRO B 258 5.85 25.50 -1.65
C PRO B 258 6.30 24.78 -2.92
N ILE B 259 5.33 24.43 -3.75
CA ILE B 259 5.54 23.69 -5.02
C ILE B 259 6.38 24.54 -5.99
N GLN B 260 7.37 23.93 -6.59
CA GLN B 260 8.24 24.45 -7.67
C GLN B 260 7.77 23.90 -9.00
N LEU B 261 8.02 24.60 -10.10
CA LEU B 261 7.78 24.06 -11.45
C LEU B 261 8.86 23.05 -11.88
N LEU B 262 8.47 22.02 -12.61
CA LEU B 262 9.43 21.11 -13.24
C LEU B 262 10.38 21.88 -14.17
N ASN B 263 9.82 22.79 -14.98
CA ASN B 263 10.65 23.59 -15.93
C ASN B 263 10.25 25.05 -15.92
N PRO B 264 10.80 25.83 -14.98
CA PRO B 264 10.65 27.29 -15.02
C PRO B 264 11.12 27.80 -16.39
N ILE B 265 10.64 28.99 -16.77
CA ILE B 265 10.82 29.54 -18.14
C ILE B 265 12.30 29.81 -18.46
N ASP B 266 13.15 29.94 -17.45
CA ASP B 266 14.58 30.29 -17.65
C ASP B 266 15.44 29.02 -17.75
N THR B 267 14.85 27.83 -17.74
CA THR B 267 15.69 26.60 -17.85
C THR B 267 16.50 26.59 -19.16
N LEU B 268 17.73 26.06 -19.09
CA LEU B 268 18.62 25.93 -20.27
C LEU B 268 18.69 24.45 -20.68
N ALA B 269 18.00 23.56 -19.98
CA ALA B 269 17.88 22.14 -20.38
C ALA B 269 16.75 21.52 -19.58
N SER B 270 15.63 21.26 -20.22
CA SER B 270 14.45 20.75 -19.51
C SER B 270 14.77 19.40 -18.82
N ARG B 271 14.12 19.20 -17.67
CA ARG B 271 14.16 17.87 -17.03
C ARG B 271 12.79 17.24 -17.30
N THR B 272 12.82 15.94 -17.12
CA THR B 272 11.66 15.05 -17.35
C THR B 272 11.33 14.38 -16.02
N LEU B 273 10.03 14.25 -15.77
CA LEU B 273 9.48 13.44 -14.65
C LEU B 273 9.24 12.01 -15.17
N TYR B 274 9.82 11.06 -14.51
CA TYR B 274 9.68 9.63 -14.81
C TYR B 274 8.80 8.95 -13.77
N ARG B 275 8.25 7.82 -14.17
CA ARG B 275 7.57 6.93 -13.20
C ARG B 275 7.92 5.49 -13.47
N ALA B 276 7.79 4.69 -12.41
CA ALA B 276 8.26 3.30 -12.40
C ALA B 276 7.04 2.47 -12.04
N THR B 277 7.03 1.20 -12.50
CA THR B 277 6.04 0.23 -11.93
C THR B 277 6.61 -1.18 -12.05
N ALA B 278 5.93 -2.15 -11.44
CA ALA B 278 6.48 -3.51 -11.31
C ALA B 278 6.38 -4.13 -12.71
N ARG B 279 7.32 -5.02 -13.00
CA ARG B 279 7.26 -5.99 -14.13
C ARG B 279 5.91 -6.71 -14.04
N GLY B 280 4.96 -6.32 -14.89
CA GLY B 280 3.61 -6.89 -15.07
C GLY B 280 3.24 -7.01 -16.55
#